data_5MB2
#
_entry.id   5MB2
#
_cell.length_a   82.915
_cell.length_b   82.915
_cell.length_c   153.644
_cell.angle_alpha   90.000
_cell.angle_beta   90.000
_cell.angle_gamma   90.000
#
_symmetry.space_group_name_H-M   'P 43 21 2'
#
loop_
_entity.id
_entity.type
_entity.pdbx_description
1 polymer 'Sucrose phosphorylase'
2 non-polymer GLYCEROL
3 water water
#
_entity_poly.entity_id   1
_entity_poly.type   'polypeptide(L)'
_entity_poly.pdbx_seq_one_letter_code
;MKNKVQLITYADRLGDGTIKSMTDILRTRFDGVYDGVHILPFFTPFDGADAGFDPIDHTKVDERLGSWDDVAELSKTHNI
MVDAIVNHMSWESKQFQDVLAKGEESEYYPMFLTMSSVFPNGATEEDLAGIYRPRPGLPFTHYKFAGKTRLVWVSFTPQQ
VDIDTDSDKGWEYLMSIFDQMAASHVSYIRLDAVGYGAKEAGTSCFMTPKTFKLISRLREEGVKRGLEILIEVHSYYKKQ
VEIASKVDRVYDFALPPLLLHALSTGHVEPVAHWTDIRPNNAVTVLDTHDGIGVIDIGSDQLDRSLKGLVPDEDVDNLVN
TIHANTHGESQAATGAAASNLDLYFVNSTYYSALGCNDQHYIAARAVQFFLPGVPQVYYVGALAGKNDMELLRKTNNGRD
INRHYYSTAEIDENLKRPVVKALNALAKFRNELDAFDGTFSYTTDDDTSISFTWRGETSQATLTFEPKRGLGVDNTTPVA
MLEWEDSAGDHRSDDLIANPPVVA
;
_entity_poly.pdbx_strand_id   B
#
loop_
_chem_comp.id
_chem_comp.type
_chem_comp.name
_chem_comp.formula
GOL non-polymer GLYCEROL 'C3 H8 O3'
#
# COMPACT_ATOMS: atom_id res chain seq x y z
N MET A 1 5.95 5.85 14.02
CA MET A 1 5.98 6.51 12.68
C MET A 1 5.51 7.96 12.79
N LYS A 2 6.30 8.88 12.23
CA LYS A 2 5.96 10.30 12.29
C LYS A 2 4.55 10.53 11.76
N ASN A 3 3.82 11.43 12.41
CA ASN A 3 2.42 11.71 12.03
C ASN A 3 2.35 12.82 10.98
N LYS A 4 3.12 12.65 9.90
CA LYS A 4 3.13 13.57 8.76
C LYS A 4 2.82 12.80 7.48
N VAL A 5 2.33 13.54 6.48
CA VAL A 5 2.00 12.93 5.19
C VAL A 5 3.28 12.45 4.51
N GLN A 6 3.19 11.31 3.82
CA GLN A 6 4.30 10.74 3.09
C GLN A 6 3.93 10.58 1.62
N LEU A 7 4.96 10.52 0.77
CA LEU A 7 4.80 10.21 -0.65
C LEU A 7 5.18 8.77 -0.92
N ILE A 8 4.40 8.09 -1.79
CA ILE A 8 4.78 6.80 -2.35
C ILE A 8 5.21 7.03 -3.79
N THR A 9 6.42 6.60 -4.15
CA THR A 9 6.82 6.80 -5.53
C THR A 9 7.83 5.74 -5.96
N TYR A 10 7.88 5.50 -7.27
CA TYR A 10 9.03 4.89 -7.90
C TYR A 10 10.13 5.95 -8.03
N ALA A 11 11.37 5.53 -7.79
CA ALA A 11 12.47 6.46 -7.94
C ALA A 11 12.59 6.96 -9.38
N ASP A 12 12.27 6.12 -10.36
CA ASP A 12 12.52 6.47 -11.75
C ASP A 12 11.32 7.09 -12.45
N ARG A 13 10.15 7.09 -11.85
CA ARG A 13 8.94 7.62 -12.50
C ARG A 13 8.53 8.97 -11.95
N LEU A 14 9.40 9.62 -11.15
CA LEU A 14 9.14 10.96 -10.61
C LEU A 14 10.43 11.76 -10.79
N GLY A 15 10.57 12.41 -11.93
CA GLY A 15 11.76 13.21 -12.21
C GLY A 15 12.56 12.68 -13.38
N ASP A 16 13.89 12.87 -13.32
CA ASP A 16 14.76 12.48 -14.42
C ASP A 16 14.98 10.98 -14.50
N GLY A 17 14.71 10.23 -13.43
CA GLY A 17 14.77 8.79 -13.48
C GLY A 17 15.67 8.15 -12.44
N THR A 18 16.14 8.92 -11.46
CA THR A 18 17.10 8.44 -10.48
C THR A 18 16.65 8.78 -9.07
N ILE A 19 17.27 8.11 -8.09
CA ILE A 19 17.03 8.44 -6.69
C ILE A 19 17.41 9.88 -6.42
N LYS A 20 18.58 10.32 -6.91
CA LYS A 20 19.01 11.70 -6.69
C LYS A 20 17.98 12.69 -7.21
N SER A 21 17.46 12.46 -8.42
CA SER A 21 16.47 13.36 -8.99
C SER A 21 15.17 13.33 -8.20
N MET A 22 14.70 12.14 -7.85
CA MET A 22 13.51 12.03 -7.01
C MET A 22 13.69 12.80 -5.71
N THR A 23 14.87 12.71 -5.10
CA THR A 23 15.16 13.50 -3.91
C THR A 23 15.08 14.99 -4.22
N ASP A 24 15.62 15.40 -5.36
CA ASP A 24 15.55 16.81 -5.76
C ASP A 24 14.10 17.28 -5.83
N ILE A 25 13.24 16.48 -6.46
CA ILE A 25 11.83 16.86 -6.61
C ILE A 25 11.17 17.00 -5.25
N LEU A 26 11.34 15.99 -4.38
CA LEU A 26 10.75 16.05 -3.05
C LEU A 26 11.13 17.33 -2.31
N ARG A 27 12.41 17.70 -2.36
CA ARG A 27 12.90 18.83 -1.57
C ARG A 27 12.50 20.18 -2.15
N THR A 28 12.41 20.30 -3.46
CA THR A 28 12.16 21.59 -4.09
C THR A 28 10.71 21.81 -4.49
N ARG A 29 9.99 20.77 -4.86
CA ARG A 29 8.60 20.92 -5.28
C ARG A 29 7.59 20.59 -4.18
N PHE A 30 7.99 19.86 -3.14
CA PHE A 30 7.04 19.39 -2.13
C PHE A 30 7.53 19.65 -0.71
N ASP A 31 8.26 20.74 -0.50
CA ASP A 31 8.68 21.07 0.86
C ASP A 31 7.46 21.29 1.74
N GLY A 32 7.45 20.64 2.91
CA GLY A 32 6.36 20.77 3.85
C GLY A 32 5.09 20.04 3.47
N VAL A 33 5.04 19.46 2.26
CA VAL A 33 3.90 18.69 1.81
C VAL A 33 4.10 17.23 2.18
N TYR A 34 5.21 16.66 1.72
CA TYR A 34 5.57 15.28 2.01
C TYR A 34 6.85 15.28 2.85
N ASP A 35 6.70 14.85 4.11
CA ASP A 35 7.80 14.81 5.05
C ASP A 35 8.53 13.48 5.06
N GLY A 36 7.99 12.45 4.42
CA GLY A 36 8.67 11.19 4.26
C GLY A 36 8.29 10.59 2.93
N VAL A 37 8.96 9.49 2.58
CA VAL A 37 8.71 8.87 1.29
C VAL A 37 8.86 7.37 1.41
N HIS A 38 7.93 6.64 0.81
CA HIS A 38 8.09 5.23 0.54
C HIS A 38 8.67 5.10 -0.87
N ILE A 39 9.94 4.72 -0.96
CA ILE A 39 10.57 4.44 -2.25
C ILE A 39 10.26 2.99 -2.60
N LEU A 40 9.57 2.78 -3.72
CA LEU A 40 9.23 1.44 -4.15
C LEU A 40 10.51 0.70 -4.57
N PRO A 41 10.48 -0.63 -4.59
CA PRO A 41 11.73 -1.40 -4.67
C PRO A 41 12.68 -0.90 -5.75
N PHE A 42 13.92 -0.63 -5.33
CA PHE A 42 14.93 -0.02 -6.18
C PHE A 42 16.16 -0.91 -6.25
N PHE A 43 15.98 -2.21 -6.05
CA PHE A 43 17.08 -3.15 -5.98
C PHE A 43 17.35 -3.71 -7.37
N THR A 44 18.21 -4.72 -7.45
CA THR A 44 18.73 -5.15 -8.74
C THR A 44 17.98 -6.40 -9.22
N PRO A 45 17.21 -6.33 -10.32
CA PRO A 45 16.84 -5.15 -11.13
C PRO A 45 15.56 -4.49 -10.63
N PHE A 46 15.31 -3.26 -11.05
CA PHE A 46 14.06 -2.57 -10.75
C PHE A 46 13.01 -2.75 -11.84
N ASP A 47 13.40 -3.26 -13.02
CA ASP A 47 12.56 -3.27 -14.21
C ASP A 47 12.32 -4.69 -14.70
N GLY A 48 12.09 -5.61 -13.77
CA GLY A 48 11.81 -6.99 -14.10
C GLY A 48 10.33 -7.25 -14.31
N ALA A 49 9.93 -8.50 -14.07
CA ALA A 49 8.55 -8.90 -14.31
C ALA A 49 7.57 -8.11 -13.46
N ASP A 50 7.92 -7.86 -12.20
CA ASP A 50 6.99 -7.26 -11.25
C ASP A 50 7.51 -5.93 -10.71
N ALA A 51 8.12 -5.13 -11.60
CA ALA A 51 8.46 -3.74 -11.32
C ALA A 51 9.09 -3.56 -9.94
N GLY A 52 10.20 -4.28 -9.72
CA GLY A 52 11.00 -4.13 -8.52
C GLY A 52 10.73 -5.15 -7.44
N PHE A 53 9.53 -5.74 -7.39
CA PHE A 53 9.21 -6.72 -6.36
C PHE A 53 9.76 -8.11 -6.65
N ASP A 54 10.46 -8.28 -7.78
CA ASP A 54 11.14 -9.54 -8.11
C ASP A 54 12.63 -9.27 -8.35
N PRO A 55 13.33 -8.74 -7.35
CA PRO A 55 14.77 -8.50 -7.52
C PRO A 55 15.55 -9.81 -7.50
N ILE A 56 16.70 -9.79 -8.16
CA ILE A 56 17.62 -10.93 -8.09
C ILE A 56 18.53 -10.80 -6.87
N ASP A 57 19.01 -9.58 -6.60
CA ASP A 57 19.82 -9.26 -5.42
C ASP A 57 19.13 -8.11 -4.68
N HIS A 58 18.42 -8.46 -3.60
CA HIS A 58 17.69 -7.51 -2.78
C HIS A 58 18.63 -6.52 -2.08
N THR A 59 19.91 -6.86 -1.95
CA THR A 59 20.83 -6.06 -1.15
C THR A 59 21.57 -5.00 -1.96
N LYS A 60 21.41 -4.97 -3.28
CA LYS A 60 22.15 -4.05 -4.14
C LYS A 60 21.20 -3.13 -4.87
N VAL A 61 21.35 -1.82 -4.63
CA VAL A 61 20.62 -0.83 -5.42
C VAL A 61 20.94 -1.03 -6.89
N ASP A 62 19.91 -0.99 -7.73
CA ASP A 62 20.13 -1.00 -9.16
C ASP A 62 20.96 0.23 -9.54
N GLU A 63 22.15 0.01 -10.07
CA GLU A 63 23.06 1.12 -10.30
C GLU A 63 22.53 2.11 -11.34
N ARG A 64 21.48 1.75 -12.09
CA ARG A 64 20.82 2.72 -12.95
C ARG A 64 20.06 3.77 -12.15
N LEU A 65 19.72 3.47 -10.89
CA LEU A 65 18.92 4.36 -10.06
C LEU A 65 19.77 5.17 -9.08
N GLY A 66 20.88 4.63 -8.63
CA GLY A 66 21.74 5.31 -7.69
C GLY A 66 22.45 4.30 -6.79
N SER A 67 22.53 4.64 -5.51
CA SER A 67 23.30 3.85 -4.55
C SER A 67 22.70 4.01 -3.17
N TRP A 68 23.14 3.15 -2.26
CA TRP A 68 22.72 3.27 -0.88
C TRP A 68 23.11 4.62 -0.30
N ASP A 69 24.24 5.18 -0.73
CA ASP A 69 24.58 6.51 -0.26
C ASP A 69 23.52 7.54 -0.65
N ASP A 70 22.87 7.35 -1.80
CA ASP A 70 21.77 8.25 -2.18
C ASP A 70 20.62 8.14 -1.18
N VAL A 71 20.32 6.93 -0.71
CA VAL A 71 19.29 6.76 0.31
C VAL A 71 19.69 7.50 1.58
N ALA A 72 20.94 7.32 2.01
CA ALA A 72 21.40 7.97 3.23
C ALA A 72 21.33 9.49 3.10
N GLU A 73 21.66 10.03 1.92
CA GLU A 73 21.52 11.46 1.71
C GLU A 73 20.08 11.91 1.91
N LEU A 74 19.14 11.22 1.27
CA LEU A 74 17.73 11.56 1.42
C LEU A 74 17.30 11.54 2.88
N SER A 75 17.82 10.59 3.66
CA SER A 75 17.39 10.44 5.05
C SER A 75 17.66 11.70 5.87
N LYS A 76 18.56 12.58 5.42
CA LYS A 76 18.86 13.80 6.15
C LYS A 76 17.68 14.76 6.19
N THR A 77 16.71 14.63 5.27
CA THR A 77 15.57 15.54 5.22
C THR A 77 14.23 14.83 5.27
N HIS A 78 14.18 13.52 5.00
CA HIS A 78 12.93 12.80 4.91
C HIS A 78 13.05 11.46 5.62
N ASN A 79 11.99 11.07 6.33
CA ASN A 79 11.91 9.69 6.81
C ASN A 79 11.60 8.79 5.63
N ILE A 80 12.33 7.69 5.53
CA ILE A 80 12.28 6.83 4.35
C ILE A 80 11.64 5.51 4.73
N MET A 81 10.67 5.08 3.93
CA MET A 81 10.10 3.74 4.00
C MET A 81 10.57 2.92 2.78
N VAL A 82 10.94 1.67 3.02
CA VAL A 82 11.44 0.77 1.99
CA VAL A 82 11.42 0.77 1.99
C VAL A 82 10.81 -0.60 2.20
N ASP A 83 10.80 -1.39 1.14
CA ASP A 83 10.30 -2.76 1.19
C ASP A 83 11.38 -3.76 1.58
N ALA A 84 11.02 -4.70 2.45
CA ALA A 84 11.81 -5.90 2.70
C ALA A 84 10.96 -7.10 2.30
N ILE A 85 11.42 -7.83 1.30
CA ILE A 85 10.69 -8.98 0.78
C ILE A 85 11.19 -10.18 1.57
N VAL A 86 10.39 -10.62 2.55
CA VAL A 86 10.87 -11.58 3.55
C VAL A 86 10.42 -13.00 3.25
N ASN A 87 9.46 -13.19 2.35
CA ASN A 87 8.84 -14.50 2.18
C ASN A 87 9.57 -15.39 1.18
N HIS A 88 10.29 -14.79 0.23
CA HIS A 88 10.80 -15.50 -0.93
C HIS A 88 11.91 -14.67 -1.55
N MET A 89 12.60 -15.27 -2.51
CA MET A 89 13.65 -14.59 -3.26
C MET A 89 13.73 -15.21 -4.65
N SER A 90 14.59 -14.64 -5.50
CA SER A 90 14.67 -15.08 -6.89
C SER A 90 15.31 -16.45 -7.00
N TRP A 91 14.76 -17.28 -7.88
CA TRP A 91 15.42 -18.54 -8.21
C TRP A 91 16.77 -18.30 -8.89
N GLU A 92 17.01 -17.09 -9.38
CA GLU A 92 18.29 -16.72 -10.00
C GLU A 92 19.30 -16.20 -9.00
N SER A 93 18.92 -16.08 -7.74
CA SER A 93 19.87 -15.66 -6.71
C SER A 93 21.01 -16.66 -6.60
N LYS A 94 22.18 -16.18 -6.19
CA LYS A 94 23.32 -17.07 -6.07
C LYS A 94 23.06 -18.16 -5.03
N GLN A 95 22.26 -17.87 -4.01
CA GLN A 95 21.97 -18.87 -2.99
C GLN A 95 21.19 -20.04 -3.56
N PHE A 96 20.09 -19.75 -4.29
CA PHE A 96 19.28 -20.84 -4.82
C PHE A 96 20.00 -21.55 -5.96
N GLN A 97 20.72 -20.81 -6.81
CA GLN A 97 21.52 -21.43 -7.85
C GLN A 97 22.49 -22.43 -7.26
N ASP A 98 23.07 -22.11 -6.10
CA ASP A 98 24.00 -23.02 -5.46
C ASP A 98 23.31 -24.30 -5.00
N VAL A 99 22.02 -24.21 -4.66
CA VAL A 99 21.29 -25.40 -4.26
C VAL A 99 20.94 -26.26 -5.47
N LEU A 100 20.53 -25.62 -6.58
CA LEU A 100 20.29 -26.36 -7.81
C LEU A 100 21.53 -27.17 -8.21
N ALA A 101 22.71 -26.61 -7.95
CA ALA A 101 23.95 -27.25 -8.38
C ALA A 101 24.41 -28.31 -7.40
N LYS A 102 24.39 -27.99 -6.10
CA LYS A 102 24.96 -28.86 -5.08
C LYS A 102 23.92 -29.63 -4.28
N GLY A 103 22.65 -29.23 -4.34
CA GLY A 103 21.62 -29.95 -3.61
C GLY A 103 21.85 -29.89 -2.12
N GLU A 104 21.69 -31.05 -1.45
CA GLU A 104 21.81 -31.08 0.00
C GLU A 104 23.19 -30.67 0.48
N GLU A 105 24.22 -30.87 -0.34
CA GLU A 105 25.56 -30.42 0.02
C GLU A 105 25.71 -28.91 -0.08
N SER A 106 24.68 -28.20 -0.50
CA SER A 106 24.76 -26.75 -0.58
C SER A 106 24.73 -26.15 0.83
N GLU A 107 25.53 -25.11 1.01
CA GLU A 107 25.47 -24.33 2.24
C GLU A 107 24.07 -23.76 2.49
N TYR A 108 23.29 -23.56 1.43
CA TYR A 108 22.02 -22.87 1.50
C TYR A 108 20.82 -23.79 1.35
N TYR A 109 21.03 -25.11 1.31
CA TYR A 109 19.91 -26.04 1.22
C TYR A 109 18.86 -25.79 2.29
N PRO A 110 19.20 -25.64 3.57
CA PRO A 110 18.16 -25.41 4.59
C PRO A 110 17.40 -24.11 4.42
N MET A 111 17.88 -23.22 3.55
CA MET A 111 17.33 -21.89 3.39
C MET A 111 16.00 -21.89 2.64
N PHE A 112 15.72 -22.92 1.85
CA PHE A 112 14.57 -22.91 0.97
C PHE A 112 13.58 -23.99 1.36
N LEU A 113 12.29 -23.65 1.32
CA LEU A 113 11.24 -24.58 1.70
C LEU A 113 10.90 -25.51 0.55
N THR A 114 10.74 -26.79 0.86
CA THR A 114 10.15 -27.76 -0.04
C THR A 114 8.88 -28.31 0.59
N MET A 115 8.15 -29.13 -0.16
CA MET A 115 7.00 -29.80 0.43
C MET A 115 7.41 -30.57 1.67
N SER A 116 8.58 -31.22 1.63
CA SER A 116 9.02 -32.05 2.75
C SER A 116 9.39 -31.22 3.96
N SER A 117 9.81 -29.96 3.75
CA SER A 117 10.16 -29.11 4.89
C SER A 117 8.97 -28.95 5.83
N VAL A 118 7.76 -28.87 5.26
CA VAL A 118 6.56 -28.57 6.04
C VAL A 118 5.82 -29.87 6.33
N PHE A 119 5.89 -30.81 5.38
CA PHE A 119 5.19 -32.09 5.49
C PHE A 119 6.19 -33.23 5.40
N PRO A 120 7.08 -33.36 6.39
CA PRO A 120 8.00 -34.50 6.38
C PRO A 120 7.26 -35.82 6.46
N ASN A 121 6.23 -35.91 7.30
CA ASN A 121 5.17 -36.86 7.08
C ASN A 121 4.26 -36.31 5.99
N GLY A 122 3.58 -37.21 5.28
CA GLY A 122 2.81 -36.80 4.13
C GLY A 122 1.86 -35.65 4.36
N ALA A 123 1.15 -35.25 3.31
CA ALA A 123 0.07 -34.28 3.41
C ALA A 123 -1.23 -34.95 2.96
N THR A 124 -2.29 -34.75 3.73
CA THR A 124 -3.61 -35.12 3.27
C THR A 124 -4.06 -34.17 2.17
N GLU A 125 -5.17 -34.50 1.53
CA GLU A 125 -5.79 -33.55 0.61
C GLU A 125 -6.25 -32.31 1.37
N GLU A 126 -6.79 -32.50 2.57
CA GLU A 126 -7.21 -31.36 3.37
C GLU A 126 -6.02 -30.50 3.77
N ASP A 127 -4.85 -31.11 4.00
CA ASP A 127 -3.65 -30.34 4.35
C ASP A 127 -3.27 -29.38 3.23
N LEU A 128 -3.22 -29.87 1.99
CA LEU A 128 -2.85 -29.02 0.88
C LEU A 128 -4.03 -28.13 0.45
N ALA A 129 -5.22 -28.71 0.38
CA ALA A 129 -6.40 -27.94 -0.02
C ALA A 129 -6.63 -26.73 0.87
N GLY A 130 -6.19 -26.79 2.13
CA GLY A 130 -6.47 -25.73 3.08
C GLY A 130 -5.49 -24.57 3.04
N ILE A 131 -4.43 -24.65 2.24
CA ILE A 131 -3.45 -23.57 2.20
C ILE A 131 -4.04 -22.36 1.49
N TYR A 132 -3.93 -21.19 2.11
CA TYR A 132 -4.42 -19.96 1.53
C TYR A 132 -3.57 -19.55 0.33
N ARG A 133 -4.21 -19.28 -0.80
CA ARG A 133 -3.52 -19.08 -2.06
C ARG A 133 -3.77 -17.68 -2.61
N PRO A 134 -2.72 -16.93 -2.95
CA PRO A 134 -2.91 -15.72 -3.76
C PRO A 134 -2.93 -15.97 -5.26
N ARG A 135 -2.64 -17.18 -5.69
CA ARG A 135 -2.60 -17.55 -7.10
C ARG A 135 -3.19 -18.95 -7.25
N PRO A 136 -3.67 -19.30 -8.44
CA PRO A 136 -4.33 -20.61 -8.62
C PRO A 136 -3.37 -21.78 -8.40
N GLY A 137 -3.96 -22.96 -8.26
CA GLY A 137 -3.18 -24.17 -8.08
C GLY A 137 -2.54 -24.25 -6.70
N LEU A 138 -1.64 -25.28 -6.56
CA LEU A 138 -0.89 -25.51 -5.34
C LEU A 138 0.44 -24.78 -5.37
N PRO A 139 0.99 -24.41 -4.17
CA PRO A 139 2.20 -23.57 -4.09
C PRO A 139 3.50 -24.34 -4.28
N PHE A 140 3.59 -25.09 -5.38
CA PHE A 140 4.76 -25.92 -5.64
C PHE A 140 5.13 -25.91 -7.11
N THR A 141 6.44 -25.92 -7.36
CA THR A 141 6.97 -26.09 -8.71
C THR A 141 8.18 -27.02 -8.63
N HIS A 142 8.54 -27.57 -9.79
CA HIS A 142 9.60 -28.57 -9.89
C HIS A 142 10.95 -27.90 -10.12
N TYR A 143 11.90 -28.18 -9.25
CA TYR A 143 13.30 -27.85 -9.46
C TYR A 143 14.14 -29.08 -9.19
N LYS A 144 15.31 -29.15 -9.81
CA LYS A 144 16.23 -30.27 -9.62
C LYS A 144 17.39 -29.82 -8.74
N PHE A 145 17.45 -30.38 -7.52
CA PHE A 145 18.57 -30.17 -6.61
C PHE A 145 19.64 -31.19 -6.95
N ALA A 146 20.76 -30.70 -7.51
CA ALA A 146 21.76 -31.58 -8.11
C ALA A 146 21.17 -32.22 -9.36
N GLY A 147 20.45 -33.33 -9.19
CA GLY A 147 19.72 -33.94 -10.28
C GLY A 147 18.41 -34.54 -9.82
N LYS A 148 18.09 -34.36 -8.54
CA LYS A 148 16.89 -34.93 -7.95
C LYS A 148 15.76 -33.91 -8.02
N THR A 149 14.63 -34.32 -8.59
CA THR A 149 13.48 -33.43 -8.70
C THR A 149 12.89 -33.18 -7.32
N ARG A 150 12.77 -31.91 -6.95
CA ARG A 150 12.15 -31.49 -5.70
C ARG A 150 10.99 -30.55 -6.00
N LEU A 151 9.99 -30.57 -5.13
CA LEU A 151 8.89 -29.62 -5.17
C LEU A 151 9.22 -28.47 -4.23
N VAL A 152 9.61 -27.36 -4.80
CA VAL A 152 9.94 -26.16 -4.04
C VAL A 152 8.66 -25.39 -3.77
N TRP A 153 8.54 -24.86 -2.55
CA TRP A 153 7.40 -24.06 -2.15
C TRP A 153 7.47 -22.69 -2.81
N VAL A 154 6.45 -22.34 -3.59
CA VAL A 154 6.40 -21.07 -4.31
C VAL A 154 5.02 -20.47 -4.08
N SER A 155 4.94 -19.40 -3.29
CA SER A 155 3.65 -18.80 -2.99
C SER A 155 3.10 -18.04 -4.20
N PHE A 156 3.97 -17.38 -4.96
CA PHE A 156 3.51 -16.49 -6.02
C PHE A 156 3.90 -17.10 -7.37
N THR A 157 5.05 -16.77 -7.92
CA THR A 157 5.45 -17.32 -9.21
C THR A 157 6.47 -18.42 -9.02
N PRO A 158 6.64 -19.31 -10.00
CA PRO A 158 7.70 -20.33 -9.90
C PRO A 158 9.10 -19.75 -9.81
N GLN A 159 9.28 -18.49 -10.22
CA GLN A 159 10.57 -17.81 -10.18
C GLN A 159 10.88 -17.22 -8.81
N GLN A 160 9.92 -17.24 -7.89
CA GLN A 160 10.09 -16.68 -6.54
C GLN A 160 9.98 -17.82 -5.53
N VAL A 161 11.12 -18.27 -5.03
CA VAL A 161 11.18 -19.47 -4.20
C VAL A 161 11.09 -19.05 -2.73
N ASP A 162 10.22 -19.73 -1.97
CA ASP A 162 9.97 -19.32 -0.59
C ASP A 162 11.10 -19.76 0.32
N ILE A 163 11.51 -18.86 1.23
CA ILE A 163 12.59 -19.17 2.16
C ILE A 163 12.02 -19.71 3.46
N ASP A 164 12.80 -20.52 4.16
CA ASP A 164 12.45 -20.99 5.50
C ASP A 164 12.88 -19.92 6.50
N THR A 165 11.91 -19.13 6.97
CA THR A 165 12.22 -18.05 7.89
C THR A 165 12.55 -18.55 9.29
N ASP A 166 12.58 -19.87 9.50
CA ASP A 166 13.03 -20.47 10.75
C ASP A 166 14.43 -21.05 10.66
N SER A 167 15.05 -20.99 9.49
CA SER A 167 16.39 -21.52 9.31
C SER A 167 17.42 -20.45 9.64
N ASP A 168 18.60 -20.89 10.08
CA ASP A 168 19.69 -19.96 10.34
C ASP A 168 20.06 -19.22 9.06
N LYS A 169 20.19 -19.95 7.95
CA LYS A 169 20.58 -19.30 6.69
C LYS A 169 19.50 -18.33 6.22
N GLY A 170 18.23 -18.69 6.38
CA GLY A 170 17.17 -17.77 6.01
C GLY A 170 17.23 -16.49 6.83
N TRP A 171 17.43 -16.61 8.14
CA TRP A 171 17.46 -15.44 8.99
C TRP A 171 18.68 -14.59 8.70
N GLU A 172 19.83 -15.24 8.46
CA GLU A 172 21.02 -14.50 8.08
C GLU A 172 20.78 -13.63 6.87
N TYR A 173 20.09 -14.17 5.86
CA TYR A 173 19.78 -13.39 4.67
C TYR A 173 18.87 -12.21 5.00
N LEU A 174 17.81 -12.46 5.76
CA LEU A 174 16.91 -11.38 6.12
C LEU A 174 17.64 -10.28 6.89
N MET A 175 18.56 -10.66 7.79
CA MET A 175 19.26 -9.64 8.54
C MET A 175 20.28 -8.89 7.69
N SER A 176 20.79 -9.49 6.62
CA SER A 176 21.63 -8.73 5.71
C SER A 176 20.85 -7.61 5.05
N ILE A 177 19.56 -7.83 4.79
CA ILE A 177 18.70 -6.76 4.29
C ILE A 177 18.50 -5.68 5.35
N PHE A 178 18.10 -6.09 6.55
CA PHE A 178 17.91 -5.12 7.62
C PHE A 178 19.19 -4.31 7.87
N ASP A 179 20.34 -4.99 7.91
CA ASP A 179 21.61 -4.30 8.20
C ASP A 179 21.90 -3.22 7.18
N GLN A 180 21.62 -3.49 5.91
CA GLN A 180 21.87 -2.48 4.87
C GLN A 180 20.88 -1.33 4.98
N MET A 181 19.63 -1.61 5.33
CA MET A 181 18.68 -0.52 5.49
CA MET A 181 18.66 -0.53 5.49
C MET A 181 19.03 0.36 6.66
N ALA A 182 19.48 -0.24 7.77
CA ALA A 182 19.91 0.55 8.91
C ALA A 182 21.12 1.40 8.57
N ALA A 183 22.06 0.83 7.81
CA ALA A 183 23.29 1.54 7.47
C ALA A 183 23.00 2.77 6.66
N SER A 184 21.94 2.74 5.85
CA SER A 184 21.55 3.90 5.05
C SER A 184 20.45 4.73 5.71
N HIS A 185 20.15 4.47 6.98
CA HIS A 185 19.30 5.35 7.79
C HIS A 185 17.84 5.30 7.31
N VAL A 186 17.40 4.12 6.87
CA VAL A 186 15.98 3.90 6.64
C VAL A 186 15.24 3.92 7.97
N SER A 187 14.01 4.45 7.96
CA SER A 187 13.18 4.49 9.15
C SER A 187 12.15 3.38 9.22
N TYR A 188 11.47 3.08 8.10
CA TYR A 188 10.33 2.16 8.12
C TYR A 188 10.53 1.04 7.10
N ILE A 189 10.14 -0.16 7.49
CA ILE A 189 10.27 -1.34 6.64
C ILE A 189 8.88 -1.91 6.39
N ARG A 190 8.48 -1.95 5.12
CA ARG A 190 7.24 -2.58 4.71
C ARG A 190 7.56 -4.05 4.44
N LEU A 191 6.94 -4.95 5.20
CA LEU A 191 7.25 -6.38 5.13
C LEU A 191 6.32 -7.01 4.10
N ASP A 192 6.82 -7.18 2.87
N ASP A 192 6.82 -7.20 2.88
CA ASP A 192 5.99 -7.65 1.77
CA ASP A 192 5.97 -7.66 1.79
C ASP A 192 5.75 -9.16 1.91
C ASP A 192 5.75 -9.16 1.90
N ALA A 193 4.50 -9.57 1.72
CA ALA A 193 4.11 -10.97 1.76
C ALA A 193 4.46 -11.65 3.08
N VAL A 194 4.67 -10.87 4.16
CA VAL A 194 5.03 -11.49 5.42
C VAL A 194 3.93 -12.42 5.92
N GLY A 195 2.68 -12.18 5.50
CA GLY A 195 1.60 -13.04 5.91
C GLY A 195 1.75 -14.49 5.48
N TYR A 196 2.57 -14.75 4.46
CA TYR A 196 2.84 -16.10 4.00
C TYR A 196 4.11 -16.68 4.59
N GLY A 197 4.87 -15.91 5.36
CA GLY A 197 6.25 -16.24 5.67
C GLY A 197 6.43 -17.36 6.68
N ALA A 198 5.36 -17.87 7.27
CA ALA A 198 5.45 -18.98 8.21
C ALA A 198 4.56 -20.10 7.72
N LYS A 199 5.13 -21.29 7.60
CA LYS A 199 4.41 -22.48 7.15
C LYS A 199 4.28 -23.44 8.32
N GLU A 200 3.08 -23.99 8.50
CA GLU A 200 2.82 -24.95 9.56
C GLU A 200 1.75 -25.91 9.08
N ALA A 201 2.08 -27.20 9.06
CA ALA A 201 1.17 -28.20 8.52
C ALA A 201 -0.18 -28.17 9.22
N GLY A 202 -1.26 -28.31 8.44
CA GLY A 202 -2.60 -28.32 8.98
C GLY A 202 -3.28 -26.97 9.04
N THR A 203 -2.55 -25.89 8.85
CA THR A 203 -3.08 -24.54 8.88
C THR A 203 -3.15 -23.98 7.47
N SER A 204 -3.83 -22.83 7.35
CA SER A 204 -3.86 -22.11 6.09
C SER A 204 -2.49 -21.57 5.69
N CYS A 205 -1.53 -21.55 6.60
CA CYS A 205 -0.20 -20.99 6.35
C CYS A 205 -0.25 -19.51 6.03
N PHE A 206 -1.33 -18.83 6.42
CA PHE A 206 -1.46 -17.39 6.24
C PHE A 206 -1.87 -16.78 7.56
N MET A 207 -1.02 -15.92 8.11
CA MET A 207 -1.28 -15.21 9.36
C MET A 207 -1.73 -16.19 10.45
N THR A 208 -0.92 -17.22 10.66
CA THR A 208 -1.17 -18.19 11.72
C THR A 208 -0.39 -17.76 12.95
N PRO A 209 -0.51 -18.45 14.09
CA PRO A 209 0.27 -18.05 15.26
C PRO A 209 1.77 -18.00 14.98
N LYS A 210 2.27 -18.93 14.17
CA LYS A 210 3.67 -18.92 13.79
C LYS A 210 4.01 -17.66 12.99
N THR A 211 3.05 -17.16 12.20
CA THR A 211 3.30 -15.93 11.44
C THR A 211 3.50 -14.74 12.36
N PHE A 212 2.65 -14.62 13.40
CA PHE A 212 2.81 -13.52 14.34
C PHE A 212 4.11 -13.65 15.12
N LYS A 213 4.53 -14.88 15.43
CA LYS A 213 5.84 -15.08 16.05
C LYS A 213 6.93 -14.56 15.14
N LEU A 214 6.79 -14.81 13.82
CA LEU A 214 7.76 -14.32 12.85
C LEU A 214 7.75 -12.80 12.80
N ILE A 215 6.56 -12.20 12.81
CA ILE A 215 6.47 -10.74 12.75
C ILE A 215 7.10 -10.13 14.00
N SER A 216 6.78 -10.70 15.18
CA SER A 216 7.36 -10.14 16.40
C SER A 216 8.87 -10.30 16.43
N ARG A 217 9.40 -11.39 15.85
CA ARG A 217 10.84 -11.55 15.81
C ARG A 217 11.50 -10.52 14.89
N LEU A 218 10.87 -10.24 13.76
CA LEU A 218 11.37 -9.18 12.88
C LEU A 218 11.29 -7.81 13.56
N ARG A 219 10.20 -7.53 14.26
CA ARG A 219 10.08 -6.23 14.91
C ARG A 219 11.26 -5.98 15.83
N GLU A 220 11.59 -6.95 16.68
CA GLU A 220 12.67 -6.80 17.65
C GLU A 220 14.02 -6.64 16.99
N GLU A 221 14.27 -7.42 15.93
CA GLU A 221 15.47 -7.22 15.12
C GLU A 221 15.50 -5.84 14.51
N GLY A 222 14.34 -5.30 14.15
CA GLY A 222 14.29 -3.98 13.55
C GLY A 222 14.62 -2.91 14.57
N VAL A 223 14.00 -2.98 15.74
CA VAL A 223 14.22 -1.93 16.72
C VAL A 223 15.69 -1.88 17.13
N LYS A 224 16.33 -3.04 17.23
CA LYS A 224 17.76 -3.08 17.56
C LYS A 224 18.57 -2.26 16.57
N ARG A 225 18.07 -2.12 15.35
CA ARG A 225 18.75 -1.45 14.26
C ARG A 225 18.14 -0.10 13.91
N GLY A 226 17.14 0.35 14.68
CA GLY A 226 16.52 1.63 14.39
C GLY A 226 15.47 1.58 13.32
N LEU A 227 14.89 0.41 13.07
CA LEU A 227 13.88 0.22 12.04
C LEU A 227 12.54 -0.10 12.70
N GLU A 228 11.47 0.44 12.12
CA GLU A 228 10.10 0.10 12.51
C GLU A 228 9.47 -0.63 11.34
N ILE A 229 8.66 -1.64 11.63
CA ILE A 229 8.09 -2.50 10.59
C ILE A 229 6.62 -2.20 10.42
N LEU A 230 6.16 -2.41 9.20
CA LEU A 230 4.78 -2.22 8.79
C LEU A 230 4.37 -3.44 7.99
N ILE A 231 3.19 -3.97 8.25
CA ILE A 231 2.73 -5.14 7.50
C ILE A 231 1.71 -4.67 6.47
N GLU A 232 1.69 -5.36 5.34
CA GLU A 232 0.76 -5.09 4.25
C GLU A 232 -0.06 -6.36 4.02
N VAL A 233 -1.31 -6.33 4.46
CA VAL A 233 -2.20 -7.48 4.33
C VAL A 233 -3.53 -6.98 3.82
N HIS A 234 -4.06 -7.66 2.79
CA HIS A 234 -5.44 -7.52 2.36
C HIS A 234 -6.22 -8.72 2.87
N SER A 235 -7.24 -8.47 3.68
CA SER A 235 -8.09 -9.56 4.15
C SER A 235 -9.45 -9.02 4.56
N TYR A 236 -10.37 -9.94 4.82
CA TYR A 236 -11.71 -9.60 5.27
C TYR A 236 -11.63 -8.66 6.48
N TYR A 237 -12.48 -7.63 6.46
CA TYR A 237 -12.27 -6.49 7.35
C TYR A 237 -12.27 -6.88 8.82
N LYS A 238 -12.88 -8.02 9.18
CA LYS A 238 -12.79 -8.48 10.56
C LYS A 238 -11.42 -9.08 10.86
N LYS A 239 -10.86 -9.84 9.92
CA LYS A 239 -9.48 -10.29 10.06
C LYS A 239 -8.55 -9.11 10.27
N GLN A 240 -8.76 -8.03 9.50
CA GLN A 240 -7.87 -6.87 9.56
C GLN A 240 -7.85 -6.28 10.96
N VAL A 241 -9.01 -6.18 11.61
CA VAL A 241 -9.06 -5.65 12.96
C VAL A 241 -8.33 -6.59 13.92
N GLU A 242 -8.53 -7.89 13.77
CA GLU A 242 -7.81 -8.86 14.58
C GLU A 242 -6.31 -8.73 14.37
N ILE A 243 -5.89 -8.64 13.11
CA ILE A 243 -4.46 -8.60 12.80
C ILE A 243 -3.81 -7.36 13.41
N ALA A 244 -4.43 -6.20 13.23
CA ALA A 244 -3.82 -4.95 13.65
C ALA A 244 -3.68 -4.88 15.17
N SER A 245 -4.50 -5.59 15.91
CA SER A 245 -4.36 -5.59 17.37
C SER A 245 -3.16 -6.40 17.84
N LYS A 246 -2.44 -7.06 16.93
CA LYS A 246 -1.29 -7.88 17.29
C LYS A 246 0.03 -7.35 16.74
N VAL A 247 0.01 -6.29 15.95
CA VAL A 247 1.20 -5.80 15.28
C VAL A 247 1.27 -4.28 15.41
N ASP A 248 2.46 -3.74 15.12
CA ASP A 248 2.68 -2.31 15.29
C ASP A 248 1.82 -1.49 14.35
N ARG A 249 1.79 -1.83 13.05
CA ARG A 249 1.09 -0.99 12.10
C ARG A 249 0.66 -1.81 10.89
N VAL A 250 -0.49 -1.42 10.34
CA VAL A 250 -1.09 -2.04 9.18
C VAL A 250 -1.45 -0.94 8.18
N TYR A 251 -1.88 -1.36 7.00
CA TYR A 251 -2.52 -0.46 6.06
C TYR A 251 -4.03 -0.46 6.27
N ASP A 252 -4.65 0.69 6.00
CA ASP A 252 -6.10 0.79 5.91
C ASP A 252 -6.46 0.65 4.44
N PHE A 253 -6.86 -0.55 4.04
CA PHE A 253 -7.26 -0.83 2.67
C PHE A 253 -8.76 -0.79 2.48
N ALA A 254 -9.53 -0.65 3.56
CA ALA A 254 -10.98 -0.50 3.41
C ALA A 254 -11.36 0.91 2.94
N LEU A 255 -10.59 1.92 3.35
CA LEU A 255 -10.99 3.30 3.10
C LEU A 255 -11.07 3.63 1.61
N PRO A 256 -10.13 3.24 0.76
CA PRO A 256 -10.18 3.66 -0.65
C PRO A 256 -11.51 3.31 -1.30
N PRO A 257 -11.96 2.05 -1.26
CA PRO A 257 -13.26 1.75 -1.86
C PRO A 257 -14.43 2.31 -1.06
N LEU A 258 -14.29 2.47 0.25
CA LEU A 258 -15.37 3.06 1.04
C LEU A 258 -15.65 4.49 0.59
N LEU A 259 -14.60 5.24 0.26
CA LEU A 259 -14.82 6.61 -0.18
C LEU A 259 -15.35 6.66 -1.62
N LEU A 260 -14.91 5.76 -2.50
CA LEU A 260 -15.53 5.67 -3.82
C LEU A 260 -17.02 5.43 -3.68
N HIS A 261 -17.39 4.48 -2.82
CA HIS A 261 -18.81 4.16 -2.61
C HIS A 261 -19.56 5.37 -2.07
N ALA A 262 -18.99 6.05 -1.07
CA ALA A 262 -19.65 7.19 -0.46
C ALA A 262 -19.83 8.33 -1.46
N LEU A 263 -18.79 8.63 -2.23
CA LEU A 263 -18.87 9.75 -3.17
C LEU A 263 -19.79 9.42 -4.33
N SER A 264 -19.95 8.14 -4.65
CA SER A 264 -20.81 7.73 -5.75
C SER A 264 -22.27 7.60 -5.35
N THR A 265 -22.55 7.25 -4.10
CA THR A 265 -23.91 6.99 -3.65
C THR A 265 -24.45 8.02 -2.67
N GLY A 266 -23.58 8.68 -1.91
CA GLY A 266 -24.02 9.57 -0.86
C GLY A 266 -24.14 8.91 0.50
N HIS A 267 -23.89 7.61 0.60
CA HIS A 267 -24.06 6.88 1.84
C HIS A 267 -22.81 7.00 2.70
N VAL A 268 -22.99 7.38 3.96
CA VAL A 268 -21.88 7.55 4.89
C VAL A 268 -21.92 6.57 6.05
N GLU A 269 -23.00 5.80 6.20
CA GLU A 269 -23.02 4.80 7.27
C GLU A 269 -21.85 3.83 7.18
N PRO A 270 -21.52 3.27 6.02
CA PRO A 270 -20.35 2.38 5.97
C PRO A 270 -19.08 3.05 6.46
N VAL A 271 -18.85 4.30 6.08
CA VAL A 271 -17.66 5.01 6.54
C VAL A 271 -17.74 5.24 8.05
N ALA A 272 -18.93 5.53 8.58
CA ALA A 272 -19.08 5.69 10.02
C ALA A 272 -18.86 4.38 10.75
N HIS A 273 -19.40 3.28 10.22
CA HIS A 273 -19.15 1.98 10.82
C HIS A 273 -17.67 1.67 10.86
N TRP A 274 -16.97 1.91 9.74
CA TRP A 274 -15.53 1.61 9.69
C TRP A 274 -14.76 2.51 10.63
N THR A 275 -15.12 3.80 10.71
CA THR A 275 -14.46 4.70 11.63
C THR A 275 -14.55 4.18 13.06
N ASP A 276 -15.69 3.57 13.40
CA ASP A 276 -15.93 3.13 14.77
C ASP A 276 -15.06 1.94 15.15
N ILE A 277 -14.79 1.04 14.21
CA ILE A 277 -14.14 -0.23 14.50
C ILE A 277 -12.74 -0.34 13.93
N ARG A 278 -12.35 0.53 13.01
CA ARG A 278 -11.11 0.35 12.28
C ARG A 278 -9.91 0.39 13.21
N PRO A 279 -8.83 -0.33 12.89
CA PRO A 279 -7.58 -0.14 13.62
C PRO A 279 -7.01 1.24 13.34
N ASN A 280 -6.51 1.89 14.39
CA ASN A 280 -5.97 3.23 14.25
C ASN A 280 -4.46 3.26 14.18
N ASN A 281 -3.79 2.13 14.42
CA ASN A 281 -2.36 1.99 14.16
C ASN A 281 -2.15 1.65 12.69
N ALA A 282 -2.52 2.61 11.86
CA ALA A 282 -2.65 2.36 10.42
C ALA A 282 -1.84 3.36 9.63
N VAL A 283 -1.55 2.97 8.40
CA VAL A 283 -1.17 3.88 7.33
C VAL A 283 -2.39 4.04 6.43
N THR A 284 -2.79 5.27 6.17
CA THR A 284 -3.93 5.53 5.30
C THR A 284 -3.46 5.83 3.89
N VAL A 285 -4.23 5.34 2.92
CA VAL A 285 -3.98 5.58 1.50
C VAL A 285 -5.33 5.76 0.82
N LEU A 286 -5.27 6.33 -0.40
CA LEU A 286 -6.33 6.17 -1.38
C LEU A 286 -5.80 5.31 -2.52
N ASP A 287 -4.84 5.80 -3.28
CA ASP A 287 -4.19 5.01 -4.31
C ASP A 287 -2.91 4.39 -3.76
N THR A 288 -2.52 3.27 -4.35
CA THR A 288 -1.22 2.67 -4.14
C THR A 288 -0.59 2.44 -5.50
N HIS A 289 0.52 1.70 -5.54
CA HIS A 289 1.15 1.30 -6.78
C HIS A 289 0.45 0.15 -7.45
N ASP A 290 -0.50 -0.47 -6.75
CA ASP A 290 -1.28 -1.55 -7.31
C ASP A 290 -2.66 -1.03 -7.68
N GLY A 291 -3.55 -1.93 -8.08
CA GLY A 291 -4.90 -1.55 -8.40
C GLY A 291 -5.70 -1.17 -7.16
N ILE A 292 -6.92 -0.70 -7.40
CA ILE A 292 -7.81 -0.31 -6.31
C ILE A 292 -8.44 -1.60 -5.79
N GLY A 293 -8.10 -1.96 -4.55
CA GLY A 293 -8.60 -3.19 -3.98
C GLY A 293 -10.04 -3.06 -3.53
N VAL A 294 -10.91 -3.94 -4.03
CA VAL A 294 -12.28 -4.03 -3.59
C VAL A 294 -12.50 -5.22 -2.66
N ILE A 295 -11.58 -6.19 -2.64
CA ILE A 295 -11.64 -7.32 -1.71
C ILE A 295 -11.84 -6.84 -0.28
N ASP A 296 -11.38 -5.64 0.04
CA ASP A 296 -11.20 -5.22 1.43
C ASP A 296 -12.48 -4.74 2.10
N ILE A 297 -13.58 -4.55 1.36
CA ILE A 297 -14.85 -4.22 1.96
C ILE A 297 -15.94 -5.23 1.61
N GLY A 298 -15.58 -6.31 0.92
CA GLY A 298 -16.52 -7.31 0.51
C GLY A 298 -16.59 -8.48 1.48
N SER A 299 -17.37 -9.49 1.08
CA SER A 299 -17.52 -10.69 1.89
C SER A 299 -16.20 -11.43 1.99
N ASP A 300 -16.05 -12.20 3.07
CA ASP A 300 -14.91 -13.11 3.19
C ASP A 300 -14.91 -14.08 2.02
N GLN A 301 -13.75 -14.22 1.36
CA GLN A 301 -13.69 -14.98 0.12
C GLN A 301 -13.59 -16.48 0.33
N LEU A 302 -13.27 -16.94 1.53
CA LEU A 302 -13.34 -18.38 1.81
C LEU A 302 -14.75 -18.78 2.27
N ASP A 303 -15.39 -17.91 3.06
CA ASP A 303 -16.75 -18.15 3.55
C ASP A 303 -17.57 -16.91 3.19
N ARG A 304 -18.21 -16.94 2.02
CA ARG A 304 -18.96 -15.78 1.55
C ARG A 304 -20.12 -15.42 2.46
N SER A 305 -20.43 -16.24 3.46
CA SER A 305 -21.51 -15.91 4.39
C SER A 305 -21.13 -14.79 5.34
N LEU A 306 -19.84 -14.49 5.49
CA LEU A 306 -19.39 -13.35 6.29
C LEU A 306 -19.41 -12.11 5.41
N LYS A 307 -20.41 -11.26 5.61
CA LYS A 307 -20.65 -10.16 4.70
C LYS A 307 -19.76 -8.96 5.05
N GLY A 308 -19.42 -8.18 4.02
CA GLY A 308 -18.50 -7.08 4.17
C GLY A 308 -19.15 -5.85 4.78
N LEU A 309 -18.50 -4.71 4.55
CA LEU A 309 -18.98 -3.43 5.05
C LEU A 309 -20.10 -2.87 4.19
N VAL A 310 -20.24 -3.34 2.96
CA VAL A 310 -21.41 -3.06 2.13
C VAL A 310 -21.87 -4.37 1.51
N PRO A 311 -23.16 -4.49 1.17
CA PRO A 311 -23.65 -5.73 0.57
C PRO A 311 -22.86 -6.14 -0.67
N ASP A 312 -22.91 -7.42 -1.01
CA ASP A 312 -22.22 -7.91 -2.20
C ASP A 312 -22.56 -7.06 -3.43
N GLU A 313 -23.82 -6.69 -3.59
CA GLU A 313 -24.25 -5.95 -4.77
C GLU A 313 -23.53 -4.60 -4.86
N ASP A 314 -23.29 -3.95 -3.72
CA ASP A 314 -22.60 -2.66 -3.73
C ASP A 314 -21.13 -2.83 -4.03
N VAL A 315 -20.55 -3.99 -3.72
CA VAL A 315 -19.20 -4.30 -4.18
C VAL A 315 -19.18 -4.35 -5.70
N ASP A 316 -20.13 -5.09 -6.28
CA ASP A 316 -20.23 -5.19 -7.73
C ASP A 316 -20.47 -3.82 -8.35
N ASN A 317 -21.35 -3.02 -7.76
CA ASN A 317 -21.64 -1.69 -8.32
C ASN A 317 -20.44 -0.77 -8.21
N LEU A 318 -19.56 -1.01 -7.24
CA LEU A 318 -18.37 -0.16 -7.13
C LEU A 318 -17.41 -0.44 -8.28
N VAL A 319 -17.23 -1.71 -8.64
CA VAL A 319 -16.39 -2.05 -9.79
C VAL A 319 -16.96 -1.42 -11.05
N ASN A 320 -18.25 -1.64 -11.30
CA ASN A 320 -18.85 -1.13 -12.52
C ASN A 320 -18.88 0.40 -12.55
N THR A 321 -18.91 1.05 -11.39
CA THR A 321 -18.90 2.51 -11.36
C THR A 321 -17.55 3.07 -11.78
N ILE A 322 -16.46 2.38 -11.41
CA ILE A 322 -15.14 2.76 -11.94
C ILE A 322 -15.13 2.59 -13.45
N HIS A 323 -15.65 1.46 -13.94
CA HIS A 323 -15.71 1.24 -15.38
C HIS A 323 -16.49 2.34 -16.08
N ALA A 324 -17.63 2.75 -15.52
CA ALA A 324 -18.41 3.81 -16.14
C ALA A 324 -17.68 5.15 -16.05
N ASN A 325 -17.16 5.48 -14.88
CA ASN A 325 -16.49 6.76 -14.69
C ASN A 325 -15.26 6.93 -15.58
N THR A 326 -14.58 5.83 -15.91
CA THR A 326 -13.44 5.86 -16.81
C THR A 326 -13.82 5.54 -18.25
N HIS A 327 -15.11 5.44 -18.54
CA HIS A 327 -15.60 5.25 -19.91
C HIS A 327 -14.90 4.07 -20.58
N GLY A 328 -14.64 3.03 -19.79
CA GLY A 328 -14.08 1.80 -20.31
C GLY A 328 -12.59 1.64 -20.15
N GLU A 329 -11.87 2.67 -19.72
CA GLU A 329 -10.43 2.54 -19.58
C GLU A 329 -10.07 1.42 -18.61
N SER A 330 -10.73 1.38 -17.45
CA SER A 330 -10.41 0.37 -16.45
C SER A 330 -10.90 -1.02 -16.86
N GLN A 331 -11.86 -1.12 -17.78
CA GLN A 331 -12.19 -2.41 -18.36
C GLN A 331 -11.04 -2.95 -19.19
N ALA A 332 -10.41 -2.10 -19.99
CA ALA A 332 -9.27 -2.54 -20.79
C ALA A 332 -8.09 -2.91 -19.91
N ALA A 333 -7.97 -2.29 -18.74
CA ALA A 333 -6.83 -2.54 -17.88
C ALA A 333 -7.06 -3.68 -16.89
N THR A 334 -8.30 -4.04 -16.61
CA THR A 334 -8.64 -5.03 -15.61
C THR A 334 -9.07 -6.32 -16.30
N GLY A 335 -8.38 -7.42 -16.01
CA GLY A 335 -8.81 -8.70 -16.54
C GLY A 335 -10.17 -9.10 -15.98
N ALA A 336 -11.02 -9.62 -16.86
CA ALA A 336 -12.37 -9.99 -16.45
C ALA A 336 -12.34 -11.21 -15.53
N ALA A 337 -13.43 -11.37 -14.77
CA ALA A 337 -13.51 -12.43 -13.77
C ALA A 337 -14.84 -13.16 -13.77
N ALA A 338 -15.73 -12.90 -14.73
CA ALA A 338 -17.03 -13.55 -14.82
C ALA A 338 -17.97 -13.07 -13.71
N SER A 339 -17.46 -12.29 -12.77
CA SER A 339 -18.25 -11.73 -11.68
C SER A 339 -17.35 -10.84 -10.83
N ASN A 340 -17.85 -9.67 -10.43
CA ASN A 340 -17.02 -8.69 -9.76
C ASN A 340 -16.80 -9.01 -8.28
N LEU A 341 -17.54 -9.96 -7.72
CA LEU A 341 -17.20 -10.45 -6.38
C LEU A 341 -15.91 -11.25 -6.40
N ASP A 342 -15.58 -11.86 -7.54
CA ASP A 342 -14.34 -12.61 -7.69
C ASP A 342 -13.14 -11.72 -7.94
N LEU A 343 -13.35 -10.43 -8.23
CA LEU A 343 -12.23 -9.52 -8.43
C LEU A 343 -11.54 -9.22 -7.11
N TYR A 344 -10.22 -9.02 -7.19
CA TYR A 344 -9.45 -8.52 -6.07
C TYR A 344 -9.13 -7.03 -6.20
N PHE A 345 -8.88 -6.56 -7.42
CA PHE A 345 -8.47 -5.18 -7.67
C PHE A 345 -9.04 -4.71 -8.99
N VAL A 346 -9.17 -3.38 -9.12
CA VAL A 346 -9.55 -2.72 -10.36
C VAL A 346 -8.43 -1.78 -10.77
N ASN A 347 -7.96 -1.90 -12.00
CA ASN A 347 -6.80 -1.12 -12.44
C ASN A 347 -7.29 0.24 -12.95
N SER A 348 -6.93 1.29 -12.23
CA SER A 348 -7.34 2.66 -12.55
C SER A 348 -6.63 3.61 -11.60
N THR A 349 -6.31 4.83 -12.05
CA THR A 349 -5.88 5.82 -11.08
C THR A 349 -7.09 6.20 -10.23
N TYR A 350 -6.83 6.73 -9.03
CA TYR A 350 -7.95 7.06 -8.15
C TYR A 350 -8.68 8.29 -8.67
N TYR A 351 -7.93 9.26 -9.22
CA TYR A 351 -8.55 10.44 -9.82
C TYR A 351 -9.49 10.02 -10.95
N SER A 352 -9.02 9.16 -11.84
CA SER A 352 -9.87 8.70 -12.95
C SER A 352 -11.06 7.88 -12.45
N ALA A 353 -10.87 7.12 -11.38
CA ALA A 353 -11.96 6.30 -10.84
C ALA A 353 -13.11 7.16 -10.34
N LEU A 354 -12.81 8.40 -9.94
CA LEU A 354 -13.81 9.37 -9.54
C LEU A 354 -14.32 10.19 -10.70
N GLY A 355 -13.97 9.83 -11.93
CA GLY A 355 -14.37 10.60 -13.09
C GLY A 355 -13.66 11.92 -13.22
N CYS A 356 -12.50 12.06 -12.56
CA CYS A 356 -11.71 13.30 -12.58
C CYS A 356 -12.46 14.46 -11.96
N ASN A 357 -13.29 14.17 -10.95
CA ASN A 357 -14.05 15.21 -10.26
C ASN A 357 -13.18 15.78 -9.13
N ASP A 358 -12.83 17.07 -9.23
CA ASP A 358 -11.90 17.66 -8.29
C ASP A 358 -12.48 17.75 -6.89
N GLN A 359 -13.75 18.20 -6.78
CA GLN A 359 -14.38 18.30 -5.47
C GLN A 359 -14.43 16.95 -4.78
N HIS A 360 -14.78 15.89 -5.50
CA HIS A 360 -14.81 14.56 -4.90
C HIS A 360 -13.41 14.13 -4.46
N TYR A 361 -12.41 14.36 -5.31
CA TYR A 361 -11.06 13.88 -5.03
C TYR A 361 -10.49 14.58 -3.79
N ILE A 362 -10.62 15.89 -3.69
CA ILE A 362 -10.07 16.59 -2.53
C ILE A 362 -10.83 16.19 -1.27
N ALA A 363 -12.14 15.97 -1.39
CA ALA A 363 -12.90 15.49 -0.25
C ALA A 363 -12.38 14.13 0.22
N ALA A 364 -12.09 13.23 -0.71
CA ALA A 364 -11.57 11.91 -0.36
C ALA A 364 -10.26 12.02 0.39
N ARG A 365 -9.35 12.87 -0.09
CA ARG A 365 -8.09 13.09 0.62
C ARG A 365 -8.35 13.66 2.00
N ALA A 366 -9.28 14.62 2.11
CA ALA A 366 -9.52 15.24 3.41
C ALA A 366 -9.99 14.22 4.42
N VAL A 367 -10.88 13.31 4.03
CA VAL A 367 -11.31 12.27 4.95
C VAL A 367 -10.13 11.38 5.33
N GLN A 368 -9.33 10.98 4.32
CA GLN A 368 -8.15 10.19 4.59
C GLN A 368 -7.31 10.83 5.69
N PHE A 369 -6.99 12.12 5.51
CA PHE A 369 -6.10 12.81 6.44
C PHE A 369 -6.72 12.97 7.82
N PHE A 370 -8.04 13.02 7.91
CA PHE A 370 -8.68 13.23 9.21
C PHE A 370 -8.91 11.94 9.98
N LEU A 371 -8.71 10.80 9.37
CA LEU A 371 -8.86 9.56 10.13
C LEU A 371 -7.55 9.19 10.80
N PRO A 372 -7.58 8.65 12.02
CA PRO A 372 -6.33 8.29 12.70
C PRO A 372 -5.48 7.38 11.84
N GLY A 373 -4.17 7.65 11.83
CA GLY A 373 -3.23 6.92 11.01
C GLY A 373 -2.31 7.86 10.25
N VAL A 374 -1.22 7.32 9.73
CA VAL A 374 -0.24 8.11 8.99
C VAL A 374 -0.66 8.11 7.52
N PRO A 375 -0.92 9.27 6.92
CA PRO A 375 -1.36 9.29 5.53
C PRO A 375 -0.21 9.21 4.53
N GLN A 376 -0.44 8.45 3.48
CA GLN A 376 0.46 8.36 2.32
C GLN A 376 -0.30 8.79 1.08
N VAL A 377 0.39 9.49 0.19
CA VAL A 377 -0.16 9.88 -1.10
C VAL A 377 0.69 9.23 -2.19
N TYR A 378 0.06 8.44 -3.07
CA TYR A 378 0.80 7.86 -4.20
C TYR A 378 1.10 8.95 -5.21
N TYR A 379 2.28 8.86 -5.85
CA TYR A 379 2.76 9.98 -6.66
C TYR A 379 1.80 10.31 -7.80
N VAL A 380 1.16 9.31 -8.42
CA VAL A 380 0.16 9.61 -9.44
C VAL A 380 -0.95 10.47 -8.85
N GLY A 381 -1.45 10.08 -7.67
CA GLY A 381 -2.48 10.87 -7.02
C GLY A 381 -1.98 12.21 -6.50
N ALA A 382 -0.70 12.29 -6.14
CA ALA A 382 -0.14 13.58 -5.73
C ALA A 382 -0.24 14.59 -6.85
N LEU A 383 -0.25 14.12 -8.10
CA LEU A 383 -0.39 14.98 -9.28
C LEU A 383 -1.76 14.85 -9.92
N ALA A 384 -2.73 14.29 -9.20
CA ALA A 384 -4.09 14.12 -9.72
C ALA A 384 -4.04 13.53 -11.12
N GLY A 385 -3.37 12.38 -11.24
CA GLY A 385 -3.08 11.84 -12.56
C GLY A 385 -4.22 10.98 -13.11
N LYS A 386 -4.43 11.10 -14.42
CA LYS A 386 -5.41 10.33 -15.17
C LYS A 386 -4.80 9.02 -15.67
N ASN A 387 -5.68 8.06 -15.95
CA ASN A 387 -5.25 6.79 -16.51
C ASN A 387 -4.30 7.01 -17.69
N ASP A 388 -3.19 6.27 -17.68
CA ASP A 388 -2.17 6.35 -18.72
C ASP A 388 -2.43 5.22 -19.71
N MET A 389 -3.20 5.52 -20.75
CA MET A 389 -3.54 4.49 -21.73
C MET A 389 -2.41 4.20 -22.71
N GLU A 390 -1.52 5.17 -22.93
CA GLU A 390 -0.39 4.92 -23.84
C GLU A 390 0.55 3.90 -23.23
N LEU A 391 0.94 4.09 -21.97
CA LEU A 391 1.82 3.12 -21.32
C LEU A 391 1.15 1.76 -21.24
N LEU A 392 -0.16 1.73 -20.94
CA LEU A 392 -0.88 0.47 -20.88
C LEU A 392 -0.77 -0.30 -22.19
N ARG A 393 -1.05 0.38 -23.31
CA ARG A 393 -0.96 -0.30 -24.60
C ARG A 393 0.47 -0.68 -24.94
N LYS A 394 1.45 0.08 -24.46
CA LYS A 394 2.85 -0.25 -24.75
C LYS A 394 3.28 -1.52 -24.00
N THR A 395 2.92 -1.64 -22.72
CA THR A 395 3.39 -2.74 -21.89
C THR A 395 2.40 -3.88 -21.77
N ASN A 396 1.10 -3.64 -21.96
CA ASN A 396 0.07 -4.63 -21.72
C ASN A 396 0.04 -5.10 -20.27
N ASN A 397 0.62 -4.33 -19.36
CA ASN A 397 0.55 -4.60 -17.93
C ASN A 397 -0.55 -3.72 -17.36
N GLY A 398 -1.60 -4.35 -16.84
CA GLY A 398 -2.78 -3.58 -16.43
C GLY A 398 -2.46 -2.50 -15.43
N ARG A 399 -1.58 -2.80 -14.47
CA ARG A 399 -1.29 -1.86 -13.40
C ARG A 399 -0.54 -0.63 -13.90
N ASP A 400 0.00 -0.65 -15.12
CA ASP A 400 0.70 0.51 -15.67
C ASP A 400 -0.24 1.66 -16.01
N ILE A 401 -1.56 1.41 -16.07
CA ILE A 401 -2.50 2.52 -16.19
C ILE A 401 -2.31 3.50 -15.05
N ASN A 402 -1.77 3.04 -13.92
CA ASN A 402 -1.63 3.79 -12.69
C ASN A 402 -0.15 3.95 -12.31
N ARG A 403 0.73 3.96 -13.31
CA ARG A 403 2.17 4.02 -13.06
C ARG A 403 2.86 4.91 -14.09
N HIS A 404 2.25 6.05 -14.38
CA HIS A 404 2.78 6.97 -15.37
C HIS A 404 4.19 7.43 -15.01
N TYR A 405 5.01 7.65 -16.04
CA TYR A 405 6.35 8.22 -15.87
C TYR A 405 6.23 9.74 -15.94
N TYR A 406 6.47 10.41 -14.81
CA TYR A 406 6.36 11.87 -14.73
C TYR A 406 7.75 12.50 -14.87
N SER A 407 8.01 13.14 -16.00
CA SER A 407 9.21 13.95 -16.13
C SER A 407 9.10 15.19 -15.25
N THR A 408 10.26 15.78 -14.95
CA THR A 408 10.26 17.00 -14.15
C THR A 408 9.38 18.07 -14.79
N ALA A 409 9.39 18.16 -16.12
CA ALA A 409 8.54 19.13 -16.81
C ALA A 409 7.07 18.87 -16.53
N GLU A 410 6.65 17.60 -16.63
CA GLU A 410 5.25 17.26 -16.38
C GLU A 410 4.87 17.55 -14.93
N ILE A 411 5.80 17.30 -14.01
CA ILE A 411 5.55 17.62 -12.60
C ILE A 411 5.23 19.10 -12.44
N ASP A 412 6.09 19.97 -12.97
CA ASP A 412 5.89 21.41 -12.82
C ASP A 412 4.61 21.86 -13.50
N GLU A 413 4.25 21.26 -14.64
CA GLU A 413 3.01 21.65 -15.29
C GLU A 413 1.81 21.27 -14.44
N ASN A 414 1.84 20.11 -13.80
CA ASN A 414 0.70 19.68 -12.99
C ASN A 414 0.61 20.43 -11.67
N LEU A 415 1.74 20.89 -11.14
CA LEU A 415 1.70 21.76 -9.97
C LEU A 415 0.94 23.05 -10.22
N LYS A 416 0.67 23.38 -11.49
CA LYS A 416 -0.12 24.56 -11.82
C LYS A 416 -1.63 24.35 -11.66
N ARG A 417 -2.08 23.11 -11.45
CA ARG A 417 -3.51 22.80 -11.44
C ARG A 417 -4.11 23.07 -10.06
N PRO A 418 -5.26 23.74 -9.99
CA PRO A 418 -5.84 24.05 -8.67
C PRO A 418 -6.12 22.83 -7.81
N VAL A 419 -6.46 21.67 -8.41
CA VAL A 419 -6.70 20.50 -7.59
C VAL A 419 -5.41 20.02 -6.94
N VAL A 420 -4.30 20.08 -7.69
CA VAL A 420 -3.01 19.70 -7.11
C VAL A 420 -2.60 20.70 -6.04
N LYS A 421 -2.71 21.99 -6.34
CA LYS A 421 -2.40 23.00 -5.32
C LYS A 421 -3.26 22.83 -4.09
N ALA A 422 -4.52 22.43 -4.27
CA ALA A 422 -5.38 22.16 -3.12
C ALA A 422 -4.86 20.99 -2.29
N LEU A 423 -4.35 19.94 -2.96
CA LEU A 423 -3.84 18.79 -2.23
C LEU A 423 -2.56 19.15 -1.47
N ASN A 424 -1.68 19.95 -2.08
CA ASN A 424 -0.46 20.37 -1.38
C ASN A 424 -0.80 21.19 -0.14
N ALA A 425 -1.72 22.13 -0.28
CA ALA A 425 -2.13 22.94 0.87
C ALA A 425 -2.78 22.08 1.93
N LEU A 426 -3.55 21.06 1.52
CA LEU A 426 -4.22 20.20 2.47
C LEU A 426 -3.22 19.38 3.27
N ALA A 427 -2.19 18.87 2.60
CA ALA A 427 -1.15 18.10 3.30
C ALA A 427 -0.34 18.99 4.24
N LYS A 428 0.00 20.20 3.79
CA LYS A 428 0.65 21.16 4.67
C LYS A 428 -0.17 21.40 5.92
N PHE A 429 -1.47 21.62 5.74
CA PHE A 429 -2.39 21.79 6.86
C PHE A 429 -2.36 20.57 7.78
N ARG A 430 -2.39 19.37 7.20
CA ARG A 430 -2.37 18.13 7.98
C ARG A 430 -1.04 17.94 8.71
N ASN A 431 0.04 18.54 8.21
CA ASN A 431 1.34 18.43 8.85
C ASN A 431 1.60 19.51 9.90
N GLU A 432 0.92 20.65 9.81
CA GLU A 432 1.28 21.84 10.58
C GLU A 432 0.34 22.15 11.73
N LEU A 433 -0.92 21.73 11.65
CA LEU A 433 -1.86 21.99 12.74
C LEU A 433 -1.67 20.94 13.83
N ASP A 434 -1.30 21.38 15.04
CA ASP A 434 -1.02 20.38 16.07
C ASP A 434 -2.28 19.69 16.58
N ALA A 435 -3.47 20.07 16.11
CA ALA A 435 -4.68 19.34 16.47
C ALA A 435 -4.57 17.85 16.11
N PHE A 436 -3.89 17.52 15.02
CA PHE A 436 -3.80 16.14 14.58
C PHE A 436 -2.87 15.31 15.45
N ASP A 437 -2.00 15.95 16.23
CA ASP A 437 -1.21 15.27 17.24
C ASP A 437 -1.95 15.13 18.56
N GLY A 438 -3.27 15.33 18.55
CA GLY A 438 -4.07 15.28 19.76
C GLY A 438 -5.04 14.13 19.80
N THR A 439 -6.31 14.43 20.04
CA THR A 439 -7.33 13.42 20.29
C THR A 439 -8.43 13.51 19.23
N PHE A 440 -8.93 12.35 18.83
CA PHE A 440 -9.85 12.23 17.70
C PHE A 440 -11.25 11.87 18.19
N SER A 441 -12.26 12.44 17.53
CA SER A 441 -13.65 12.11 17.79
C SER A 441 -14.44 12.36 16.52
N TYR A 442 -15.66 11.83 16.47
CA TYR A 442 -16.51 12.02 15.30
C TYR A 442 -17.98 11.94 15.71
N THR A 443 -18.82 12.63 14.94
CA THR A 443 -20.27 12.55 15.06
C THR A 443 -20.85 12.26 13.69
N THR A 444 -22.12 11.86 13.66
CA THR A 444 -22.76 11.50 12.41
C THR A 444 -24.25 11.80 12.50
N ASP A 445 -24.82 12.21 11.38
CA ASP A 445 -26.27 12.35 11.26
C ASP A 445 -26.91 10.97 11.29
N ASP A 446 -27.15 10.40 10.11
CA ASP A 446 -27.60 9.02 9.98
C ASP A 446 -27.00 8.44 8.70
N ASP A 447 -27.37 9.03 7.57
CA ASP A 447 -26.75 8.70 6.29
C ASP A 447 -26.44 9.96 5.49
N THR A 448 -26.62 11.15 6.06
CA THR A 448 -26.40 12.40 5.36
C THR A 448 -25.03 13.00 5.60
N SER A 449 -24.49 12.88 6.82
CA SER A 449 -23.30 13.64 7.19
C SER A 449 -22.48 12.89 8.21
N ILE A 450 -21.18 13.13 8.19
CA ILE A 450 -20.26 12.65 9.24
C ILE A 450 -19.19 13.70 9.44
N SER A 451 -18.87 14.00 10.70
CA SER A 451 -17.92 15.05 11.04
C SER A 451 -16.74 14.45 11.80
N PHE A 452 -15.53 14.71 11.32
CA PHE A 452 -14.31 14.25 11.94
C PHE A 452 -13.66 15.42 12.67
N THR A 453 -13.39 15.26 13.97
CA THR A 453 -12.87 16.34 14.79
C THR A 453 -11.57 15.91 15.45
N TRP A 454 -10.56 16.77 15.36
CA TRP A 454 -9.33 16.65 16.12
C TRP A 454 -9.19 17.88 17.01
N ARG A 455 -8.95 17.66 18.30
CA ARG A 455 -8.71 18.76 19.23
C ARG A 455 -7.36 18.56 19.87
N GLY A 456 -6.46 19.53 19.68
CA GLY A 456 -5.10 19.43 20.21
C GLY A 456 -4.80 20.44 21.28
N GLU A 457 -3.52 20.81 21.40
CA GLU A 457 -3.10 21.73 22.45
C GLU A 457 -3.43 23.18 22.08
N THR A 458 -3.01 23.62 20.90
CA THR A 458 -3.20 25.01 20.48
C THR A 458 -4.09 25.13 19.24
N SER A 459 -4.84 24.08 18.90
CA SER A 459 -5.64 24.11 17.69
C SER A 459 -6.74 23.07 17.76
N GLN A 460 -7.68 23.19 16.82
CA GLN A 460 -8.79 22.26 16.68
C GLN A 460 -9.30 22.36 15.25
N ALA A 461 -9.89 21.27 14.77
CA ALA A 461 -10.39 21.24 13.40
C ALA A 461 -11.49 20.19 13.29
N THR A 462 -12.50 20.49 12.48
CA THR A 462 -13.62 19.59 12.25
C THR A 462 -13.91 19.54 10.75
N LEU A 463 -13.88 18.35 10.18
CA LEU A 463 -14.16 18.13 8.77
C LEU A 463 -15.53 17.47 8.63
N THR A 464 -16.46 18.16 7.98
CA THR A 464 -17.79 17.63 7.73
C THR A 464 -17.84 17.13 6.29
N PHE A 465 -18.38 15.92 6.12
CA PHE A 465 -18.34 15.21 4.84
C PHE A 465 -19.78 14.88 4.44
N GLU A 466 -20.23 15.48 3.33
CA GLU A 466 -21.61 15.36 2.86
C GLU A 466 -21.61 15.03 1.38
N PRO A 467 -21.34 13.78 1.01
CA PRO A 467 -21.37 13.42 -0.42
C PRO A 467 -22.72 13.62 -1.06
N LYS A 468 -23.81 13.57 -0.27
CA LYS A 468 -25.15 13.79 -0.79
C LYS A 468 -25.27 15.13 -1.53
N ARG A 469 -24.41 16.09 -1.20
CA ARG A 469 -24.58 17.44 -1.72
C ARG A 469 -24.18 17.56 -3.19
N GLY A 470 -23.28 16.71 -3.67
CA GLY A 470 -22.74 16.88 -5.00
C GLY A 470 -22.61 15.61 -5.80
N LEU A 471 -23.69 14.84 -5.90
CA LEU A 471 -23.65 13.59 -6.64
C LEU A 471 -23.47 13.85 -8.13
N GLY A 472 -22.63 13.03 -8.77
CA GLY A 472 -22.42 13.10 -10.20
C GLY A 472 -20.99 13.45 -10.58
N VAL A 473 -20.46 12.77 -11.61
CA VAL A 473 -19.06 12.97 -11.98
C VAL A 473 -18.80 14.37 -12.50
N ASP A 474 -19.83 15.11 -12.92
CA ASP A 474 -19.66 16.45 -13.44
C ASP A 474 -20.03 17.52 -12.42
N ASN A 475 -20.34 17.13 -11.19
CA ASN A 475 -20.78 18.09 -10.19
C ASN A 475 -19.60 18.93 -9.69
N THR A 476 -19.90 20.19 -9.36
CA THR A 476 -18.90 21.11 -8.84
C THR A 476 -19.25 21.61 -7.44
N THR A 477 -20.23 21.00 -6.79
CA THR A 477 -20.59 21.37 -5.42
C THR A 477 -19.62 20.73 -4.43
N PRO A 478 -18.99 21.51 -3.55
CA PRO A 478 -18.15 20.90 -2.52
C PRO A 478 -18.94 19.94 -1.65
N VAL A 479 -18.31 18.82 -1.31
CA VAL A 479 -18.90 17.82 -0.42
C VAL A 479 -18.08 17.67 0.87
N ALA A 480 -17.10 18.54 1.09
CA ALA A 480 -16.32 18.55 2.32
C ALA A 480 -16.14 19.98 2.77
N MET A 481 -16.56 20.27 4.00
CA MET A 481 -16.43 21.60 4.58
C MET A 481 -15.51 21.53 5.79
N LEU A 482 -14.72 22.58 5.99
CA LEU A 482 -13.67 22.60 7.00
C LEU A 482 -13.83 23.81 7.90
N GLU A 483 -13.70 23.57 9.21
CA GLU A 483 -13.60 24.62 10.21
C GLU A 483 -12.44 24.27 11.14
N TRP A 484 -11.69 25.29 11.57
CA TRP A 484 -10.57 25.04 12.46
C TRP A 484 -10.23 26.32 13.22
N GLU A 485 -9.32 26.18 14.18
CA GLU A 485 -8.91 27.26 15.06
C GLU A 485 -7.40 27.20 15.24
N ASP A 486 -6.73 28.32 15.03
CA ASP A 486 -5.28 28.38 15.14
C ASP A 486 -4.92 29.69 15.87
N SER A 487 -3.67 30.15 15.68
CA SER A 487 -3.24 31.40 16.30
C SER A 487 -4.19 32.53 15.98
N ALA A 488 -4.69 32.59 14.75
CA ALA A 488 -5.49 33.70 14.28
C ALA A 488 -6.99 33.53 14.52
N GLY A 489 -7.38 32.65 15.42
CA GLY A 489 -8.78 32.49 15.77
C GLY A 489 -9.52 31.47 14.93
N ASP A 490 -10.82 31.68 14.73
CA ASP A 490 -11.66 30.73 14.02
C ASP A 490 -11.59 30.97 12.51
N HIS A 491 -11.58 29.88 11.75
CA HIS A 491 -11.50 29.94 10.30
C HIS A 491 -12.45 28.92 9.69
N ARG A 492 -12.72 29.10 8.40
CA ARG A 492 -13.71 28.26 7.73
C ARG A 492 -13.40 28.23 6.25
N SER A 493 -13.51 27.05 5.65
CA SER A 493 -13.41 26.89 4.20
C SER A 493 -14.50 25.93 3.75
N ASP A 494 -15.47 26.44 3.00
CA ASP A 494 -16.51 25.61 2.42
C ASP A 494 -16.15 25.12 1.02
N ASP A 495 -14.93 25.39 0.57
CA ASP A 495 -14.47 24.94 -0.75
C ASP A 495 -12.96 24.73 -0.64
N LEU A 496 -12.53 23.47 -0.60
CA LEU A 496 -11.12 23.17 -0.39
C LEU A 496 -10.28 23.33 -1.65
N ILE A 497 -10.89 23.53 -2.82
CA ILE A 497 -10.13 23.81 -4.02
C ILE A 497 -9.90 25.31 -4.18
N ALA A 498 -10.96 26.10 -4.05
CA ALA A 498 -10.85 27.54 -4.27
C ALA A 498 -10.33 28.26 -3.02
N ASN A 499 -10.60 27.72 -1.83
CA ASN A 499 -10.17 28.33 -0.57
C ASN A 499 -9.47 27.27 0.26
N PRO A 500 -8.33 26.77 -0.19
CA PRO A 500 -7.62 25.74 0.57
C PRO A 500 -7.12 26.30 1.88
N PRO A 501 -7.07 25.48 2.94
CA PRO A 501 -6.77 26.01 4.27
C PRO A 501 -5.28 26.26 4.48
N VAL A 502 -5.00 27.21 5.37
CA VAL A 502 -3.64 27.56 5.74
C VAL A 502 -3.61 27.80 7.25
N VAL A 503 -2.53 27.39 7.90
CA VAL A 503 -2.39 27.50 9.34
C VAL A 503 -1.54 28.72 9.68
N ALA A 504 -1.89 29.38 10.77
CA ALA A 504 -1.08 30.49 11.28
C ALA A 504 0.04 29.94 12.15
C1 GOL B . 3.76 -7.01 -6.09
O1 GOL B . 3.12 -7.53 -7.22
C2 GOL B . 2.83 -6.02 -5.40
O2 GOL B . 2.85 -4.80 -6.10
C3 GOL B . 3.28 -5.84 -3.94
O3 GOL B . 2.51 -4.85 -3.30
#